data_7ER8
#
_entry.id   7ER8
#
_cell.length_a   82.160
_cell.length_b   117.367
_cell.length_c   41.606
_cell.angle_alpha   90.000
_cell.angle_beta   90.000
_cell.angle_gamma   90.000
#
_symmetry.space_group_name_H-M   'P 21 21 2'
#
loop_
_entity.id
_entity.type
_entity.pdbx_description
1 polymer 'Flavin reductase (NADPH)'
2 non-polymer 'NADP NICOTINAMIDE-ADENINE-DINUCLEOTIDE PHOSPHATE'
3 non-polymer '2-HYDROXY-(5-([4-(2-PYRIDINYLAMINO)SULFONYL]PHENYL)AZO)BENZOIC ACID'
4 non-polymer 'SULFATE ION'
5 water water
#
_entity_poly.entity_id   1
_entity_poly.type   'polypeptide(L)'
_entity_poly.pdbx_seq_one_letter_code
;HHHHHHHHHHMAVKKIAIFGATGQTGLTTLAQAVQAGYEVTVLVRDSSRLPSEGPRPAHVVVGDVLQAADVDKTVAGQDA
VIVLLGTRNDLSPTTVMSEGARNIVAAMKAHGVDKVVACTSAFLLWDPTKVPPRLQAVTDDHIRMHKVLRESGLKYVAVM
PPHIGDQPLTGAYTVTLDGRGPSRVISKHDLGHFMLRCLTTDEYDGHSTYPSHQYQ
;
_entity_poly.pdbx_strand_id   A,B
#
loop_
_chem_comp.id
_chem_comp.type
_chem_comp.name
_chem_comp.formula
NAP non-polymer 'NADP NICOTINAMIDE-ADENINE-DINUCLEOTIDE PHOSPHATE' 'C21 H28 N7 O17 P3'
SAS non-polymer '2-HYDROXY-(5-([4-(2-PYRIDINYLAMINO)SULFONYL]PHENYL)AZO)BENZOIC ACID' 'C18 H14 N4 O5 S'
SO4 non-polymer 'SULFATE ION' 'O4 S -2'
#
# COMPACT_ATOMS: atom_id res chain seq x y z
N HIS A 10 -10.15 8.89 -37.05
CA HIS A 10 -10.22 9.31 -35.66
C HIS A 10 -9.92 8.12 -34.73
N MET A 11 -9.09 8.33 -33.70
CA MET A 11 -8.83 7.33 -32.67
C MET A 11 -9.36 7.85 -31.34
N ALA A 12 -10.29 7.11 -30.72
CA ALA A 12 -10.81 7.52 -29.42
C ALA A 12 -9.71 7.61 -28.37
N VAL A 13 -8.97 6.54 -28.16
CA VAL A 13 -7.76 6.59 -27.37
C VAL A 13 -6.61 6.76 -28.34
N LYS A 14 -5.92 7.92 -28.28
CA LYS A 14 -4.78 8.02 -29.18
C LYS A 14 -3.52 8.45 -28.46
N LYS A 15 -3.61 9.34 -27.47
CA LYS A 15 -2.44 9.79 -26.69
C LYS A 15 -2.33 8.93 -25.45
N ILE A 16 -1.22 8.21 -25.31
CA ILE A 16 -1.03 7.38 -24.12
C ILE A 16 0.33 7.67 -23.50
N ALA A 17 0.41 7.59 -22.16
CA ALA A 17 1.70 7.57 -21.46
C ALA A 17 2.03 6.12 -21.17
N ILE A 18 3.29 5.74 -21.42
CA ILE A 18 3.81 4.43 -21.02
C ILE A 18 4.92 4.68 -20.00
N PHE A 19 4.74 4.10 -18.81
CA PHE A 19 5.80 4.04 -17.79
C PHE A 19 6.45 2.69 -17.87
N GLY A 20 7.77 2.66 -17.86
CA GLY A 20 8.49 1.40 -18.05
C GLY A 20 8.69 1.05 -19.51
N ALA A 21 8.72 2.04 -20.42
CA ALA A 21 8.81 1.71 -21.85
C ALA A 21 10.16 1.13 -22.23
N THR A 22 11.23 1.37 -21.41
CA THR A 22 12.54 0.82 -21.78
C THR A 22 12.74 -0.62 -21.32
N GLY A 23 11.76 -1.18 -20.61
CA GLY A 23 11.89 -2.49 -20.01
C GLY A 23 11.53 -3.60 -20.99
N GLN A 24 11.62 -4.84 -20.51
CA GLN A 24 11.42 -6.01 -21.37
C GLN A 24 10.06 -5.97 -22.09
N THR A 25 8.99 -5.75 -21.32
CA THR A 25 7.65 -5.68 -21.91
C THR A 25 7.43 -4.30 -22.48
N GLY A 26 8.00 -3.27 -21.84
CA GLY A 26 7.75 -1.94 -22.34
C GLY A 26 8.23 -1.70 -23.76
N LEU A 27 9.37 -2.31 -24.16
CA LEU A 27 9.94 -2.00 -25.47
C LEU A 27 9.02 -2.51 -26.57
N THR A 28 8.43 -3.70 -26.35
CA THR A 28 7.56 -4.25 -27.38
C THR A 28 6.18 -3.63 -27.31
N THR A 29 5.76 -3.20 -26.12
CA THR A 29 4.50 -2.46 -26.04
C THR A 29 4.63 -1.14 -26.78
N LEU A 30 5.76 -0.43 -26.59
CA LEU A 30 5.97 0.81 -27.31
C LEU A 30 5.99 0.57 -28.82
N ALA A 31 6.72 -0.46 -29.28
CA ALA A 31 6.81 -0.73 -30.70
C ALA A 31 5.45 -1.01 -31.29
N GLN A 32 4.67 -1.85 -30.60
CA GLN A 32 3.33 -2.17 -31.07
C GLN A 32 2.43 -0.94 -31.03
N ALA A 33 2.54 -0.12 -30.00
CA ALA A 33 1.69 1.06 -29.93
C ALA A 33 2.00 2.05 -31.05
N VAL A 34 3.27 2.29 -31.33
CA VAL A 34 3.62 3.15 -32.45
C VAL A 34 3.08 2.59 -33.77
N GLN A 35 3.25 1.29 -34.00
CA GLN A 35 2.74 0.69 -35.24
C GLN A 35 1.22 0.83 -35.36
N ALA A 36 0.50 0.76 -34.22
CA ALA A 36 -0.95 0.87 -34.21
C ALA A 36 -1.44 2.32 -34.28
N GLY A 37 -0.54 3.31 -34.33
CA GLY A 37 -0.93 4.68 -34.54
C GLY A 37 -1.11 5.50 -33.27
N TYR A 38 -0.71 4.95 -32.13
CA TYR A 38 -0.78 5.76 -30.92
C TYR A 38 0.28 6.85 -30.95
N GLU A 39 -0.06 7.95 -30.29
CA GLU A 39 0.85 9.06 -30.01
C GLU A 39 1.37 8.81 -28.58
N VAL A 40 2.59 8.31 -28.46
CA VAL A 40 3.07 7.77 -27.18
C VAL A 40 4.03 8.75 -26.52
N THR A 41 3.77 9.02 -25.24
CA THR A 41 4.69 9.75 -24.37
C THR A 41 5.30 8.74 -23.43
N VAL A 42 6.62 8.80 -23.25
CA VAL A 42 7.34 7.92 -22.34
C VAL A 42 8.02 8.77 -21.28
N LEU A 43 8.12 8.20 -20.06
CA LEU A 43 9.00 8.76 -19.03
C LEU A 43 10.20 7.81 -18.95
N VAL A 44 11.41 8.35 -19.17
CA VAL A 44 12.64 7.55 -19.14
C VAL A 44 13.59 8.17 -18.14
N ARG A 45 14.33 7.34 -17.42
CA ARG A 45 15.39 7.85 -16.57
C ARG A 45 16.58 8.36 -17.39
N ASP A 46 17.30 9.35 -16.84
CA ASP A 46 18.26 10.09 -17.67
C ASP A 46 19.30 9.15 -18.26
N SER A 47 19.74 8.18 -17.48
CA SER A 47 20.81 7.29 -17.92
C SER A 47 20.32 6.13 -18.76
N SER A 48 19.00 5.99 -18.92
CA SER A 48 18.43 4.85 -19.66
C SER A 48 17.37 5.36 -20.66
N ARG A 49 17.83 5.91 -21.77
CA ARG A 49 16.95 6.30 -22.87
C ARG A 49 16.60 5.09 -23.75
N LEU A 50 15.60 5.29 -24.62
CA LEU A 50 15.26 4.30 -25.63
C LEU A 50 16.38 4.08 -26.62
N PRO A 51 16.53 2.85 -27.11
CA PRO A 51 17.57 2.54 -28.10
C PRO A 51 17.39 3.29 -29.41
N SER A 52 18.52 3.50 -30.09
CA SER A 52 18.61 4.46 -31.18
C SER A 52 17.83 4.01 -32.40
N GLU A 53 18.01 2.74 -32.79
CA GLU A 53 17.38 2.20 -33.98
C GLU A 53 15.91 1.82 -33.77
N GLY A 54 15.42 1.84 -32.53
CA GLY A 54 14.09 1.35 -32.22
C GLY A 54 13.01 2.34 -32.62
N PRO A 55 11.76 1.92 -32.47
CA PRO A 55 10.64 2.83 -32.75
C PRO A 55 10.68 4.09 -31.89
N ARG A 56 10.32 5.22 -32.51
CA ARG A 56 10.42 6.45 -31.74
C ARG A 56 9.06 6.86 -31.20
N PRO A 57 8.92 7.12 -29.90
CA PRO A 57 7.68 7.69 -29.38
C PRO A 57 7.52 9.12 -29.86
N ALA A 58 6.30 9.64 -29.66
CA ALA A 58 5.99 11.02 -30.01
C ALA A 58 6.58 12.05 -29.03
N HIS A 59 6.70 11.70 -27.75
CA HIS A 59 7.21 12.62 -26.73
C HIS A 59 8.00 11.85 -25.69
N VAL A 60 9.11 12.44 -25.25
CA VAL A 60 9.96 11.87 -24.22
C VAL A 60 10.08 12.87 -23.09
N VAL A 61 9.73 12.44 -21.89
CA VAL A 61 10.06 13.13 -20.64
C VAL A 61 11.19 12.36 -19.99
N VAL A 62 12.27 13.08 -19.64
CA VAL A 62 13.40 12.51 -18.93
C VAL A 62 13.23 12.83 -17.46
N GLY A 63 13.25 11.81 -16.60
CA GLY A 63 13.04 12.05 -15.17
C GLY A 63 12.87 10.75 -14.44
N ASP A 64 12.05 10.80 -13.39
CA ASP A 64 11.95 9.64 -12.51
C ASP A 64 10.51 9.50 -12.02
N VAL A 65 9.98 8.28 -12.04
CA VAL A 65 8.61 8.08 -11.54
C VAL A 65 8.47 8.44 -10.07
N LEU A 66 9.58 8.52 -9.30
CA LEU A 66 9.56 8.92 -7.89
C LEU A 66 9.50 10.43 -7.74
N GLN A 67 9.49 11.19 -8.82
CA GLN A 67 9.29 12.63 -8.74
C GLN A 67 7.90 12.97 -9.28
N ALA A 68 7.03 13.48 -8.40
CA ALA A 68 5.68 13.83 -8.83
C ALA A 68 5.70 14.79 -10.01
N ALA A 69 6.64 15.73 -10.03
CA ALA A 69 6.66 16.68 -11.13
C ALA A 69 6.88 16.00 -12.47
N ASP A 70 7.77 15.00 -12.49
CA ASP A 70 8.04 14.29 -13.74
C ASP A 70 6.84 13.44 -14.17
N VAL A 71 6.18 12.82 -13.20
CA VAL A 71 4.99 12.02 -13.54
C VAL A 71 3.88 12.93 -14.04
N ASP A 72 3.72 14.10 -13.41
CA ASP A 72 2.73 15.07 -13.86
CA ASP A 72 2.73 15.09 -13.85
C ASP A 72 2.97 15.48 -15.31
N LYS A 73 4.22 15.71 -15.67
CA LYS A 73 4.57 16.13 -17.05
C LYS A 73 4.27 15.01 -18.04
N THR A 74 4.36 13.76 -17.60
CA THR A 74 4.14 12.62 -18.49
C THR A 74 2.65 12.35 -18.65
N VAL A 75 1.86 12.51 -17.57
CA VAL A 75 0.42 12.19 -17.63
C VAL A 75 -0.39 13.32 -18.28
N ALA A 76 0.06 14.58 -18.19
CA ALA A 76 -0.73 15.70 -18.70
C ALA A 76 -1.13 15.50 -20.16
N GLY A 77 -2.41 15.70 -20.44
CA GLY A 77 -2.89 15.64 -21.83
C GLY A 77 -3.05 14.26 -22.44
N GLN A 78 -2.88 13.20 -21.68
CA GLN A 78 -3.06 11.85 -22.23
C GLN A 78 -4.51 11.41 -22.15
N ASP A 79 -4.82 10.40 -22.97
CA ASP A 79 -6.10 9.69 -22.90
C ASP A 79 -6.08 8.52 -21.93
N ALA A 80 -4.92 7.96 -21.63
CA ALA A 80 -4.83 6.72 -20.85
C ALA A 80 -3.39 6.48 -20.48
N VAL A 81 -3.15 5.58 -19.52
CA VAL A 81 -1.83 5.33 -18.99
C VAL A 81 -1.60 3.82 -18.96
N ILE A 82 -0.42 3.36 -19.43
CA ILE A 82 0.02 1.97 -19.27
C ILE A 82 1.20 1.97 -18.33
N VAL A 83 1.21 1.04 -17.36
CA VAL A 83 2.25 0.97 -16.34
C VAL A 83 2.93 -0.39 -16.43
N LEU A 84 4.22 -0.36 -16.81
CA LEU A 84 5.10 -1.53 -16.93
C LEU A 84 6.36 -1.29 -16.12
N LEU A 85 6.21 -0.64 -14.96
CA LEU A 85 7.35 -0.41 -14.08
C LEU A 85 7.84 -1.73 -13.46
N GLY A 86 9.12 -1.78 -13.12
CA GLY A 86 9.69 -2.97 -12.49
C GLY A 86 11.11 -2.62 -12.12
N THR A 87 11.83 -3.63 -11.67
CA THR A 87 13.19 -3.38 -11.19
C THR A 87 14.19 -4.28 -11.90
N ARG A 88 13.88 -4.68 -13.14
CA ARG A 88 14.77 -5.53 -13.96
C ARG A 88 15.14 -6.79 -13.18
N ASN A 89 16.42 -7.14 -13.07
CA ASN A 89 16.77 -8.37 -12.41
C ASN A 89 17.17 -8.15 -10.95
N ASP A 90 16.83 -6.99 -10.38
CA ASP A 90 17.10 -6.70 -8.98
C ASP A 90 15.90 -7.11 -8.11
N LEU A 91 16.11 -8.02 -7.20
CA LEU A 91 15.02 -8.53 -6.39
C LEU A 91 15.00 -7.90 -5.02
N SER A 92 15.72 -6.77 -4.84
CA SER A 92 15.81 -6.21 -3.49
C SER A 92 14.51 -5.52 -3.05
N PRO A 93 14.30 -5.37 -1.74
CA PRO A 93 13.17 -4.55 -1.28
C PRO A 93 13.11 -3.20 -1.97
N THR A 94 11.90 -2.79 -2.34
CA THR A 94 11.74 -1.59 -3.12
C THR A 94 10.32 -1.06 -2.92
N THR A 95 10.18 0.26 -3.18
CA THR A 95 8.84 0.85 -3.26
C THR A 95 8.66 1.62 -4.56
N VAL A 96 9.51 1.36 -5.55
CA VAL A 96 9.43 2.19 -6.75
C VAL A 96 8.08 1.99 -7.46
N MET A 97 7.50 0.80 -7.43
CA MET A 97 6.24 0.59 -8.15
C MET A 97 5.06 1.18 -7.40
N SER A 98 5.03 1.02 -6.09
CA SER A 98 3.91 1.55 -5.34
C SER A 98 3.97 3.07 -5.22
N GLU A 99 5.15 3.63 -4.94
CA GLU A 99 5.24 5.09 -4.90
C GLU A 99 5.05 5.66 -6.29
N GLY A 100 5.59 5.00 -7.33
CA GLY A 100 5.31 5.45 -8.68
C GLY A 100 3.82 5.47 -8.97
N ALA A 101 3.13 4.39 -8.56
CA ALA A 101 1.67 4.37 -8.76
C ALA A 101 0.97 5.48 -7.99
N ARG A 102 1.42 5.76 -6.76
CA ARG A 102 0.81 6.87 -6.03
C ARG A 102 0.93 8.16 -6.83
N ASN A 103 2.12 8.42 -7.39
CA ASN A 103 2.28 9.64 -8.17
C ASN A 103 1.43 9.60 -9.43
N ILE A 104 1.34 8.43 -10.08
CA ILE A 104 0.54 8.35 -11.30
C ILE A 104 -0.92 8.61 -11.00
N VAL A 105 -1.45 8.05 -9.88
CA VAL A 105 -2.84 8.27 -9.50
C VAL A 105 -3.08 9.76 -9.28
N ALA A 106 -2.18 10.43 -8.53
CA ALA A 106 -2.42 11.83 -8.23
C ALA A 106 -2.44 12.65 -9.52
N ALA A 107 -1.53 12.34 -10.43
CA ALA A 107 -1.45 13.06 -11.70
C ALA A 107 -2.70 12.83 -12.56
N MET A 108 -3.12 11.57 -12.67
CA MET A 108 -4.33 11.26 -13.43
C MET A 108 -5.53 12.00 -12.88
N LYS A 109 -5.67 12.04 -11.55
CA LYS A 109 -6.81 12.78 -11.00
C LYS A 109 -6.70 14.25 -11.34
N ALA A 110 -5.50 14.83 -11.18
CA ALA A 110 -5.38 16.27 -11.39
C ALA A 110 -5.58 16.62 -12.86
N HIS A 111 -5.30 15.67 -13.76
CA HIS A 111 -5.36 15.93 -15.18
C HIS A 111 -6.58 15.33 -15.88
N GLY A 112 -7.50 14.73 -15.13
CA GLY A 112 -8.69 14.18 -15.74
C GLY A 112 -8.48 12.96 -16.62
N VAL A 113 -7.48 12.13 -16.32
CA VAL A 113 -7.28 10.86 -17.02
C VAL A 113 -7.85 9.78 -16.12
N ASP A 114 -8.64 8.87 -16.71
CA ASP A 114 -9.30 7.82 -15.94
CA ASP A 114 -9.33 7.82 -15.97
C ASP A 114 -8.74 6.43 -16.14
N LYS A 115 -8.28 6.08 -17.36
CA LYS A 115 -7.93 4.72 -17.69
C LYS A 115 -6.48 4.46 -17.34
N VAL A 116 -6.25 3.45 -16.49
CA VAL A 116 -4.89 3.00 -16.18
C VAL A 116 -4.85 1.48 -16.27
N VAL A 117 -3.93 0.97 -17.09
CA VAL A 117 -3.73 -0.48 -17.27
C VAL A 117 -2.36 -0.76 -16.68
N ALA A 118 -2.27 -1.53 -15.60
CA ALA A 118 -1.00 -1.59 -14.88
C ALA A 118 -0.64 -3.02 -14.52
N CYS A 119 0.61 -3.34 -14.72
CA CYS A 119 1.08 -4.71 -14.57
C CYS A 119 1.64 -4.91 -13.16
N THR A 120 1.13 -5.95 -12.47
CA THR A 120 1.76 -6.43 -11.23
C THR A 120 2.19 -7.85 -11.51
N SER A 121 1.47 -8.88 -10.99
CA SER A 121 1.89 -10.25 -11.16
C SER A 121 0.82 -11.22 -10.73
N ALA A 122 0.82 -12.42 -11.32
CA ALA A 122 -0.10 -13.44 -10.92
C ALA A 122 0.10 -13.91 -9.49
N PHE A 123 1.23 -13.56 -8.85
CA PHE A 123 1.35 -13.96 -7.45
C PHE A 123 0.30 -13.29 -6.58
N LEU A 124 -0.29 -12.19 -7.07
CA LEU A 124 -1.39 -11.52 -6.39
C LEU A 124 -2.70 -12.33 -6.48
N LEU A 125 -2.72 -13.43 -7.25
CA LEU A 125 -3.82 -14.39 -7.24
C LEU A 125 -3.44 -15.71 -6.56
N TRP A 126 -2.26 -15.80 -5.96
CA TRP A 126 -1.80 -17.03 -5.33
C TRP A 126 -2.04 -16.98 -3.84
N ASP A 127 -1.99 -18.17 -3.22
CA ASP A 127 -1.76 -18.27 -1.79
C ASP A 127 -0.42 -17.59 -1.48
N PRO A 128 -0.40 -16.50 -0.69
CA PRO A 128 0.88 -15.84 -0.37
C PRO A 128 1.96 -16.77 0.16
N THR A 129 1.60 -17.86 0.83
CA THR A 129 2.62 -18.80 1.27
C THR A 129 3.30 -19.52 0.11
N LYS A 130 2.77 -19.38 -1.12
CA LYS A 130 3.33 -20.03 -2.30
C LYS A 130 4.21 -19.11 -3.14
N VAL A 131 4.37 -17.85 -2.77
CA VAL A 131 5.29 -17.00 -3.53
C VAL A 131 6.73 -17.43 -3.21
N PRO A 132 7.60 -17.65 -4.20
CA PRO A 132 9.03 -17.98 -3.90
C PRO A 132 9.65 -16.88 -3.04
N PRO A 133 10.33 -17.25 -1.94
CA PRO A 133 10.92 -16.20 -1.10
C PRO A 133 11.78 -15.23 -1.87
N ARG A 134 12.50 -15.66 -2.91
CA ARG A 134 13.38 -14.74 -3.62
C ARG A 134 12.61 -13.61 -4.28
N LEU A 135 11.34 -13.85 -4.60
CA LEU A 135 10.46 -12.85 -5.25
C LEU A 135 9.52 -12.15 -4.28
N GLN A 136 9.63 -12.42 -2.97
CA GLN A 136 8.69 -11.84 -2.01
CA GLN A 136 8.66 -11.84 -2.05
C GLN A 136 8.84 -10.33 -1.89
N ALA A 137 10.06 -9.82 -1.96
CA ALA A 137 10.23 -8.36 -1.78
C ALA A 137 9.60 -7.58 -2.95
N VAL A 138 9.79 -8.07 -4.16
CA VAL A 138 9.15 -7.44 -5.29
C VAL A 138 7.65 -7.63 -5.22
N THR A 139 7.20 -8.85 -4.88
CA THR A 139 5.77 -9.08 -4.79
C THR A 139 5.12 -8.19 -3.74
N ASP A 140 5.82 -7.96 -2.60
CA ASP A 140 5.27 -7.06 -1.59
C ASP A 140 5.01 -5.68 -2.17
N ASP A 141 5.90 -5.22 -3.03
CA ASP A 141 5.62 -3.91 -3.66
C ASP A 141 4.51 -3.96 -4.71
N HIS A 142 4.39 -5.07 -5.47
CA HIS A 142 3.22 -5.24 -6.31
C HIS A 142 1.94 -5.18 -5.50
N ILE A 143 1.91 -5.86 -4.33
CA ILE A 143 0.73 -5.80 -3.47
C ILE A 143 0.43 -4.37 -3.05
N ARG A 144 1.47 -3.62 -2.68
CA ARG A 144 1.27 -2.22 -2.31
C ARG A 144 0.74 -1.42 -3.49
N MET A 145 1.33 -1.64 -4.68
CA MET A 145 0.93 -0.90 -5.88
C MET A 145 -0.54 -1.20 -6.26
N HIS A 146 -0.93 -2.48 -6.22
CA HIS A 146 -2.30 -2.85 -6.53
C HIS A 146 -3.29 -2.18 -5.58
N LYS A 147 -2.97 -2.10 -4.28
CA LYS A 147 -3.87 -1.44 -3.33
C LYS A 147 -4.02 0.03 -3.68
N VAL A 148 -2.91 0.69 -4.02
CA VAL A 148 -2.99 2.11 -4.43
C VAL A 148 -3.93 2.29 -5.62
N LEU A 149 -3.77 1.43 -6.63
CA LEU A 149 -4.56 1.59 -7.85
C LEU A 149 -6.03 1.22 -7.63
N ARG A 150 -6.29 0.16 -6.84
CA ARG A 150 -7.68 -0.23 -6.55
C ARG A 150 -8.40 0.83 -5.76
N GLU A 151 -7.73 1.47 -4.80
CA GLU A 151 -8.39 2.45 -3.95
C GLU A 151 -8.51 3.81 -4.62
N SER A 152 -7.91 3.99 -5.77
CA SER A 152 -7.92 5.29 -6.42
C SER A 152 -9.28 5.68 -6.98
N GLY A 153 -10.14 4.73 -7.30
CA GLY A 153 -11.38 5.05 -7.98
C GLY A 153 -11.25 5.22 -9.47
N LEU A 154 -10.03 5.15 -10.01
CA LEU A 154 -9.85 5.27 -11.44
C LEU A 154 -10.32 4.00 -12.13
N LYS A 155 -10.41 4.06 -13.46
CA LYS A 155 -10.76 2.90 -14.27
C LYS A 155 -9.51 2.06 -14.46
N TYR A 156 -9.31 1.10 -13.56
CA TYR A 156 -8.04 0.42 -13.40
C TYR A 156 -8.18 -1.04 -13.85
N VAL A 157 -7.37 -1.42 -14.82
CA VAL A 157 -7.26 -2.83 -15.24
C VAL A 157 -6.02 -3.37 -14.58
N ALA A 158 -6.19 -4.36 -13.67
CA ALA A 158 -5.06 -4.98 -12.98
C ALA A 158 -4.59 -6.15 -13.83
N VAL A 159 -3.44 -6.02 -14.45
CA VAL A 159 -2.88 -7.08 -15.26
C VAL A 159 -1.88 -7.85 -14.40
N MET A 160 -2.14 -9.15 -14.26
CA MET A 160 -1.44 -10.02 -13.29
C MET A 160 -0.86 -11.23 -14.03
N PRO A 161 0.23 -11.05 -14.77
CA PRO A 161 0.72 -12.14 -15.62
C PRO A 161 1.53 -13.17 -14.86
N PRO A 162 1.65 -14.37 -15.44
CA PRO A 162 2.55 -15.40 -14.92
C PRO A 162 3.92 -15.15 -15.54
N HIS A 163 4.75 -16.17 -15.75
CA HIS A 163 6.11 -15.93 -16.25
C HIS A 163 6.08 -15.21 -17.60
N ILE A 164 6.90 -14.17 -17.77
CA ILE A 164 7.00 -13.44 -19.03
C ILE A 164 8.14 -14.01 -19.86
N GLY A 165 7.81 -14.53 -21.04
CA GLY A 165 8.76 -15.17 -21.91
C GLY A 165 9.05 -14.41 -23.19
N ASP A 166 9.86 -15.05 -24.04
CA ASP A 166 10.35 -14.43 -25.25
C ASP A 166 9.67 -15.01 -26.49
N GLN A 167 8.57 -15.77 -26.31
CA GLN A 167 7.87 -16.38 -27.44
C GLN A 167 7.18 -15.29 -28.30
N PRO A 168 6.57 -15.65 -29.43
CA PRO A 168 6.11 -14.61 -30.36
C PRO A 168 4.88 -13.86 -29.86
N LEU A 169 4.62 -12.76 -30.59
CA LEU A 169 3.31 -12.14 -30.61
C LEU A 169 2.33 -13.06 -31.33
N THR A 170 1.25 -13.40 -30.67
CA THR A 170 0.20 -14.18 -31.31
C THR A 170 -1.16 -13.49 -31.31
N GLY A 171 -1.44 -12.68 -30.29
CA GLY A 171 -2.82 -12.19 -30.16
C GLY A 171 -3.84 -13.25 -29.86
N ALA A 172 -3.41 -14.48 -29.57
CA ALA A 172 -4.29 -15.64 -29.44
C ALA A 172 -4.35 -16.15 -28.01
N TYR A 173 -3.79 -15.40 -27.07
CA TYR A 173 -3.70 -15.80 -25.70
C TYR A 173 -5.09 -15.78 -25.01
N THR A 174 -5.18 -16.53 -23.92
CA THR A 174 -6.35 -16.55 -23.04
C THR A 174 -6.26 -15.42 -22.02
N VAL A 175 -7.41 -14.80 -21.73
CA VAL A 175 -7.44 -13.78 -20.69
C VAL A 175 -8.38 -14.34 -19.64
N THR A 176 -7.86 -14.65 -18.45
CA THR A 176 -8.70 -15.18 -17.39
C THR A 176 -9.05 -14.04 -16.42
N LEU A 177 -10.35 -13.90 -16.11
CA LEU A 177 -10.79 -12.82 -15.22
C LEU A 177 -10.81 -13.30 -13.79
N ASP A 178 -10.17 -12.52 -12.92
CA ASP A 178 -10.31 -12.68 -11.48
C ASP A 178 -9.94 -14.09 -11.01
N GLY A 179 -8.90 -14.64 -11.60
CA GLY A 179 -8.36 -15.93 -11.14
C GLY A 179 -7.17 -16.35 -11.98
N ARG A 180 -6.51 -17.44 -11.58
CA ARG A 180 -5.38 -17.91 -12.36
C ARG A 180 -5.86 -18.64 -13.60
N GLY A 181 -5.12 -18.50 -14.70
CA GLY A 181 -5.48 -19.13 -15.97
C GLY A 181 -4.83 -20.50 -16.19
N PRO A 182 -5.03 -21.06 -17.38
CA PRO A 182 -4.65 -22.47 -17.64
C PRO A 182 -3.22 -22.70 -18.11
N SER A 183 -2.43 -21.66 -18.39
CA SER A 183 -1.02 -21.78 -18.70
C SER A 183 -0.26 -20.88 -17.74
N ARG A 184 1.04 -21.16 -17.63
CA ARG A 184 1.90 -20.46 -16.68
C ARG A 184 2.90 -19.53 -17.37
N VAL A 185 2.66 -19.18 -18.65
CA VAL A 185 3.54 -18.27 -19.39
C VAL A 185 2.70 -17.31 -20.23
N ILE A 186 3.25 -16.12 -20.46
CA ILE A 186 2.77 -15.20 -21.50
C ILE A 186 4.00 -14.60 -22.15
N SER A 187 4.01 -14.46 -23.48
CA SER A 187 5.19 -13.82 -24.07
C SER A 187 5.15 -12.31 -23.81
N LYS A 188 6.35 -11.71 -23.70
CA LYS A 188 6.35 -10.26 -23.51
C LYS A 188 5.58 -9.55 -24.60
N HIS A 189 5.62 -10.08 -25.82
CA HIS A 189 4.91 -9.44 -26.91
C HIS A 189 3.39 -9.55 -26.76
N ASP A 190 2.92 -10.72 -26.38
CA ASP A 190 1.49 -10.88 -26.08
C ASP A 190 1.04 -10.07 -24.87
N LEU A 191 1.88 -9.96 -23.83
CA LEU A 191 1.52 -9.13 -22.67
C LEU A 191 1.37 -7.67 -23.09
N GLY A 192 2.28 -7.18 -23.92
CA GLY A 192 2.16 -5.80 -24.41
C GLY A 192 0.92 -5.63 -25.29
N HIS A 193 0.64 -6.63 -26.15
CA HIS A 193 -0.57 -6.59 -26.96
C HIS A 193 -1.81 -6.49 -26.06
N PHE A 194 -1.82 -7.24 -24.96
CA PHE A 194 -2.99 -7.19 -24.08
C PHE A 194 -3.09 -5.82 -23.39
N MET A 195 -1.97 -5.26 -22.91
CA MET A 195 -2.05 -3.93 -22.29
C MET A 195 -2.69 -2.95 -23.24
N LEU A 196 -2.34 -3.03 -24.54
CA LEU A 196 -2.96 -2.11 -25.50
C LEU A 196 -4.41 -2.46 -25.75
N ARG A 197 -4.73 -3.76 -25.81
CA ARG A 197 -6.14 -4.11 -26.02
C ARG A 197 -7.04 -3.54 -24.93
N CYS A 198 -6.51 -3.45 -23.72
CA CYS A 198 -7.31 -2.95 -22.61
C CYS A 198 -7.60 -1.47 -22.74
N LEU A 199 -6.91 -0.75 -23.64
CA LEU A 199 -7.24 0.66 -23.89
C LEU A 199 -8.57 0.80 -24.61
N THR A 200 -8.97 -0.22 -25.38
CA THR A 200 -10.10 -0.03 -26.30
C THR A 200 -11.38 -0.71 -25.85
N THR A 201 -11.40 -1.22 -24.62
CA THR A 201 -12.64 -1.78 -24.09
C THR A 201 -12.73 -1.50 -22.61
N ASP A 202 -13.95 -1.44 -22.09
CA ASP A 202 -14.15 -1.27 -20.67
CA ASP A 202 -14.21 -1.26 -20.67
C ASP A 202 -14.38 -2.60 -19.96
N GLU A 203 -14.34 -3.72 -20.69
CA GLU A 203 -14.78 -4.95 -20.07
C GLU A 203 -13.88 -5.43 -18.95
N TYR A 204 -12.63 -4.96 -18.90
CA TYR A 204 -11.73 -5.45 -17.85
C TYR A 204 -11.61 -4.46 -16.69
N ASP A 205 -12.27 -3.32 -16.80
CA ASP A 205 -12.14 -2.29 -15.77
C ASP A 205 -12.60 -2.83 -14.42
N GLY A 206 -11.79 -2.63 -13.40
CA GLY A 206 -12.14 -3.11 -12.06
C GLY A 206 -11.92 -4.58 -11.83
N HIS A 207 -11.37 -5.29 -12.80
CA HIS A 207 -11.09 -6.70 -12.68
C HIS A 207 -9.60 -6.94 -12.63
N SER A 208 -9.24 -8.12 -12.12
CA SER A 208 -7.89 -8.63 -12.33
C SER A 208 -7.92 -9.49 -13.58
N THR A 209 -6.85 -9.45 -14.33
CA THR A 209 -6.75 -10.19 -15.58
C THR A 209 -5.47 -10.98 -15.62
N TYR A 210 -5.53 -12.22 -16.08
CA TYR A 210 -4.35 -13.07 -16.14
C TYR A 210 -4.25 -13.53 -17.58
N PRO A 211 -3.32 -12.97 -18.34
CA PRO A 211 -3.13 -13.41 -19.73
C PRO A 211 -2.15 -14.57 -19.74
N SER A 212 -2.45 -15.60 -20.51
CA SER A 212 -1.50 -16.71 -20.61
C SER A 212 -1.71 -17.42 -21.94
N HIS A 213 -0.71 -18.21 -22.33
CA HIS A 213 -0.86 -18.89 -23.61
C HIS A 213 0.04 -20.10 -23.65
N GLN A 214 -0.24 -20.98 -24.60
CA GLN A 214 0.57 -22.15 -24.90
C GLN A 214 1.19 -21.88 -26.28
N TYR A 215 2.52 -21.76 -26.34
CA TYR A 215 3.19 -21.38 -27.58
C TYR A 215 3.55 -22.67 -28.32
N GLN A 216 2.94 -22.85 -29.50
CA GLN A 216 3.13 -24.08 -30.25
C GLN A 216 2.76 -23.83 -31.69
N MET B 11 -10.06 -4.11 36.36
CA MET B 11 -9.24 -4.11 35.14
C MET B 11 -10.07 -3.84 33.89
N ALA B 12 -11.39 -3.72 34.07
CA ALA B 12 -12.31 -3.57 32.93
C ALA B 12 -12.12 -2.22 32.25
N VAL B 13 -11.92 -2.25 30.94
CA VAL B 13 -11.65 -1.05 30.17
C VAL B 13 -12.96 -0.60 29.52
N LYS B 14 -13.37 0.66 29.79
CA LYS B 14 -14.53 1.31 29.18
C LYS B 14 -14.14 2.56 28.42
N LYS B 15 -13.23 3.36 28.96
CA LYS B 15 -12.81 4.62 28.36
C LYS B 15 -11.44 4.45 27.74
N ILE B 16 -11.34 4.77 26.45
CA ILE B 16 -10.09 4.69 25.73
C ILE B 16 -9.85 5.98 24.95
N ALA B 17 -8.57 6.34 24.86
CA ALA B 17 -8.10 7.28 23.85
C ALA B 17 -7.54 6.52 22.66
N ILE B 18 -7.86 6.99 21.46
CA ILE B 18 -7.24 6.52 20.23
C ILE B 18 -6.47 7.67 19.62
N PHE B 19 -5.18 7.45 19.41
CA PHE B 19 -4.33 8.34 18.62
C PHE B 19 -4.22 7.77 17.21
N GLY B 20 -4.28 8.65 16.21
CA GLY B 20 -4.31 8.19 14.83
C GLY B 20 -5.67 7.69 14.36
N ALA B 21 -6.76 8.21 14.94
CA ALA B 21 -8.10 7.70 14.64
C ALA B 21 -8.56 8.06 13.22
N THR B 22 -7.93 9.02 12.57
CA THR B 22 -8.33 9.42 11.22
C THR B 22 -7.58 8.67 10.12
N GLY B 23 -6.67 7.78 10.49
CA GLY B 23 -5.93 7.00 9.51
C GLY B 23 -6.75 5.81 9.02
N GLN B 24 -6.15 5.02 8.13
CA GLN B 24 -6.96 3.93 7.57
C GLN B 24 -7.31 2.89 8.63
N THR B 25 -6.36 2.54 9.52
CA THR B 25 -6.70 1.59 10.59
C THR B 25 -7.46 2.28 11.69
N GLY B 26 -7.11 3.55 11.95
CA GLY B 26 -7.76 4.29 13.01
C GLY B 26 -9.26 4.40 12.81
N LEU B 27 -9.68 4.69 11.56
CA LEU B 27 -11.11 4.92 11.31
C LEU B 27 -11.93 3.69 11.63
N THR B 28 -11.43 2.51 11.22
CA THR B 28 -12.21 1.29 11.49
C THR B 28 -12.08 0.85 12.94
N THR B 29 -10.93 1.09 13.56
CA THR B 29 -10.80 0.84 15.00
C THR B 29 -11.79 1.70 15.77
N LEU B 30 -11.88 2.99 15.41
CA LEU B 30 -12.82 3.91 16.05
C LEU B 30 -14.25 3.42 15.88
N ALA B 31 -14.63 3.09 14.63
CA ALA B 31 -16.00 2.65 14.37
C ALA B 31 -16.33 1.41 15.19
N GLN B 32 -15.41 0.43 15.18
CA GLN B 32 -15.62 -0.81 15.92
C GLN B 32 -15.71 -0.56 17.41
N ALA B 33 -14.85 0.32 17.91
CA ALA B 33 -14.88 0.61 19.34
C ALA B 33 -16.21 1.26 19.73
N VAL B 34 -16.69 2.21 18.94
CA VAL B 34 -17.97 2.88 19.26
C VAL B 34 -19.10 1.86 19.21
N GLN B 35 -19.13 1.02 18.18
CA GLN B 35 -20.19 0.02 18.08
C GLN B 35 -20.17 -0.94 19.26
N ALA B 36 -18.98 -1.25 19.79
CA ALA B 36 -18.90 -2.21 20.89
C ALA B 36 -19.21 -1.60 22.25
N GLY B 37 -19.27 -0.28 22.34
CA GLY B 37 -19.64 0.34 23.60
C GLY B 37 -18.57 1.15 24.27
N TYR B 38 -17.37 1.24 23.69
CA TYR B 38 -16.35 2.01 24.38
C TYR B 38 -16.69 3.49 24.32
N GLU B 39 -16.31 4.21 25.38
CA GLU B 39 -16.38 5.66 25.41
C GLU B 39 -15.03 6.14 24.88
N VAL B 40 -15.02 6.66 23.65
CA VAL B 40 -13.77 6.90 22.92
C VAL B 40 -13.47 8.39 22.89
N THR B 41 -12.24 8.74 23.24
CA THR B 41 -11.72 10.08 23.04
C THR B 41 -10.68 10.03 21.94
N VAL B 42 -10.72 10.98 20.99
CA VAL B 42 -9.73 10.99 19.94
C VAL B 42 -9.04 12.34 19.95
N LEU B 43 -7.76 12.33 19.55
CA LEU B 43 -6.99 13.55 19.31
C LEU B 43 -6.86 13.65 17.80
N VAL B 44 -7.41 14.71 17.21
CA VAL B 44 -7.37 14.92 15.76
C VAL B 44 -6.87 16.33 15.48
N ARG B 45 -6.09 16.48 14.41
CA ARG B 45 -5.66 17.81 14.02
C ARG B 45 -6.76 18.56 13.26
N ASP B 46 -7.68 17.84 12.60
CA ASP B 46 -8.75 18.44 11.80
C ASP B 46 -9.99 17.59 11.94
N SER B 47 -11.03 18.14 12.56
CA SER B 47 -12.26 17.37 12.83
C SER B 47 -13.01 16.97 11.56
N SER B 48 -12.82 17.70 10.46
CA SER B 48 -13.55 17.37 9.24
C SER B 48 -13.11 16.03 8.66
N ARG B 49 -12.00 15.48 9.14
CA ARG B 49 -11.50 14.18 8.70
C ARG B 49 -12.18 13.05 9.42
N LEU B 50 -13.06 13.36 10.38
CA LEU B 50 -13.88 12.33 11.01
C LEU B 50 -15.20 12.22 10.25
N PRO B 51 -15.77 11.02 10.14
CA PRO B 51 -16.98 10.87 9.32
C PRO B 51 -18.19 11.54 9.95
N SER B 52 -18.99 12.20 9.10
CA SER B 52 -20.17 12.90 9.59
C SER B 52 -21.28 11.93 9.99
N GLU B 53 -21.33 10.76 9.37
CA GLU B 53 -22.40 9.80 9.61
C GLU B 53 -21.90 8.67 10.51
N GLY B 54 -22.85 7.84 10.95
CA GLY B 54 -22.55 6.59 11.61
C GLY B 54 -21.93 6.75 12.99
N PRO B 55 -21.06 5.81 13.36
CA PRO B 55 -20.48 5.82 14.72
C PRO B 55 -19.51 6.98 14.88
N ARG B 56 -19.75 7.81 15.90
CA ARG B 56 -18.92 8.95 16.25
C ARG B 56 -18.34 8.76 17.65
N PRO B 57 -17.12 9.25 17.89
CA PRO B 57 -16.53 9.17 19.24
C PRO B 57 -17.27 10.05 20.23
N ALA B 58 -17.11 9.71 21.51
CA ALA B 58 -17.76 10.48 22.56
C ALA B 58 -17.08 11.81 22.81
N HIS B 59 -15.75 11.88 22.62
CA HIS B 59 -15.00 13.10 22.92
C HIS B 59 -13.97 13.32 21.83
N VAL B 60 -13.87 14.57 21.36
CA VAL B 60 -12.92 14.97 20.32
C VAL B 60 -12.04 16.08 20.87
N VAL B 61 -10.73 15.83 20.94
CA VAL B 61 -9.75 16.85 21.30
C VAL B 61 -9.08 17.28 20.01
N VAL B 62 -9.09 18.59 19.70
CA VAL B 62 -8.47 19.06 18.47
C VAL B 62 -7.07 19.52 18.86
N GLY B 63 -6.04 18.88 18.30
CA GLY B 63 -4.68 19.17 18.70
C GLY B 63 -3.71 18.21 18.03
N ASP B 64 -2.49 18.20 18.54
CA ASP B 64 -1.35 17.58 17.86
C ASP B 64 -0.67 16.65 18.86
N VAL B 65 -0.30 15.44 18.42
CA VAL B 65 0.39 14.56 19.34
C VAL B 65 1.77 15.13 19.74
N LEU B 66 2.29 16.10 18.99
CA LEU B 66 3.58 16.71 19.34
C LEU B 66 3.45 17.74 20.43
N GLN B 67 2.24 18.05 20.83
CA GLN B 67 2.01 19.06 21.87
C GLN B 67 1.58 18.34 23.14
N ALA B 68 2.48 18.37 24.15
CA ALA B 68 2.29 17.59 25.37
C ALA B 68 0.97 17.91 26.02
N ALA B 69 0.53 19.17 25.96
CA ALA B 69 -0.71 19.55 26.60
C ALA B 69 -1.93 18.94 25.92
N ASP B 70 -1.94 18.87 24.57
CA ASP B 70 -3.04 18.22 23.86
C ASP B 70 -3.10 16.73 24.18
N VAL B 71 -1.93 16.09 24.22
CA VAL B 71 -1.85 14.68 24.61
C VAL B 71 -2.36 14.50 26.03
N ASP B 72 -1.93 15.38 26.95
CA ASP B 72 -2.37 15.25 28.34
C ASP B 72 -3.90 15.31 28.44
N LYS B 73 -4.52 16.25 27.71
CA LYS B 73 -5.99 16.39 27.70
C LYS B 73 -6.68 15.14 27.14
N THR B 74 -6.03 14.46 26.20
CA THR B 74 -6.60 13.25 25.59
C THR B 74 -6.49 12.04 26.51
N VAL B 75 -5.37 11.89 27.22
CA VAL B 75 -5.11 10.72 28.08
C VAL B 75 -5.83 10.83 29.43
N ALA B 76 -6.08 12.05 29.92
CA ALA B 76 -6.77 12.22 31.20
C ALA B 76 -8.02 11.39 31.27
N GLY B 77 -8.13 10.60 32.35
CA GLY B 77 -9.35 9.90 32.64
C GLY B 77 -9.55 8.59 31.91
N GLN B 78 -8.60 8.17 31.10
CA GLN B 78 -8.78 6.95 30.29
C GLN B 78 -8.43 5.71 31.09
N ASP B 79 -9.01 4.60 30.67
CA ASP B 79 -8.62 3.27 31.13
C ASP B 79 -7.46 2.67 30.34
N ALA B 80 -7.31 3.04 29.06
CA ALA B 80 -6.28 2.47 28.18
C ALA B 80 -6.13 3.37 26.98
N VAL B 81 -5.02 3.19 26.26
CA VAL B 81 -4.67 4.01 25.10
C VAL B 81 -4.36 3.09 23.94
N ILE B 82 -4.93 3.40 22.78
CA ILE B 82 -4.59 2.76 21.51
C ILE B 82 -3.81 3.76 20.64
N VAL B 83 -2.68 3.32 20.11
CA VAL B 83 -1.81 4.17 19.30
C VAL B 83 -1.77 3.61 17.88
N LEU B 84 -2.26 4.41 16.93
CA LEU B 84 -2.29 4.08 15.52
C LEU B 84 -1.76 5.26 14.73
N LEU B 85 -0.77 5.93 15.30
CA LEU B 85 -0.08 7.03 14.66
C LEU B 85 0.72 6.56 13.45
N GLY B 86 0.83 7.45 12.47
CA GLY B 86 1.76 7.20 11.38
C GLY B 86 1.99 8.50 10.64
N THR B 87 3.08 8.52 9.90
CA THR B 87 3.42 9.71 9.15
C THR B 87 3.07 9.49 7.68
N ARG B 88 2.63 10.54 7.04
CA ARG B 88 2.17 10.41 5.67
C ARG B 88 3.34 10.77 4.77
N ASN B 89 3.91 9.75 4.15
CA ASN B 89 4.85 9.93 3.07
C ASN B 89 6.21 10.41 3.53
N ASP B 90 6.60 10.20 4.81
CA ASP B 90 7.95 10.58 5.24
C ASP B 90 8.94 9.56 4.70
N LEU B 91 9.94 10.05 4.03
CA LEU B 91 10.91 9.31 3.24
C LEU B 91 12.29 9.38 3.85
N SER B 92 12.47 10.22 4.86
CA SER B 92 13.79 10.59 5.39
C SER B 92 13.59 10.81 6.87
N PRO B 93 14.68 10.88 7.67
CA PRO B 93 14.54 10.84 9.14
C PRO B 93 13.40 11.67 9.71
N THR B 94 12.62 11.05 10.58
CA THR B 94 11.44 11.68 11.16
C THR B 94 11.28 11.15 12.57
N THR B 95 10.86 12.02 13.50
CA THR B 95 10.67 11.62 14.88
C THR B 95 9.27 11.90 15.41
N VAL B 96 8.29 12.07 14.51
CA VAL B 96 6.92 12.39 14.97
C VAL B 96 6.38 11.29 15.86
N MET B 97 6.46 10.02 15.41
CA MET B 97 5.88 8.93 16.19
C MET B 97 6.59 8.73 17.54
N SER B 98 7.92 8.76 17.57
CA SER B 98 8.59 8.54 18.83
C SER B 98 8.41 9.72 19.77
N GLU B 99 8.39 10.96 19.25
CA GLU B 99 8.14 12.10 20.13
C GLU B 99 6.70 12.07 20.62
N GLY B 100 5.76 11.75 19.75
CA GLY B 100 4.39 11.53 20.21
C GLY B 100 4.30 10.48 21.31
N ALA B 101 4.99 9.33 21.12
CA ALA B 101 4.98 8.30 22.14
C ALA B 101 5.59 8.79 23.46
N ARG B 102 6.64 9.64 23.41
CA ARG B 102 7.17 10.20 24.65
C ARG B 102 6.10 11.01 25.37
N ASN B 103 5.32 11.81 24.62
CA ASN B 103 4.27 12.61 25.26
C ASN B 103 3.16 11.73 25.80
N ILE B 104 2.82 10.68 25.06
CA ILE B 104 1.79 9.76 25.52
C ILE B 104 2.22 9.07 26.79
N VAL B 105 3.47 8.61 26.85
CA VAL B 105 3.97 7.94 28.06
C VAL B 105 3.93 8.90 29.26
N ALA B 106 4.36 10.15 29.06
CA ALA B 106 4.40 11.08 30.18
C ALA B 106 3.00 11.34 30.69
N ALA B 107 2.04 11.45 29.77
CA ALA B 107 0.66 11.70 30.15
C ALA B 107 0.05 10.50 30.85
N MET B 108 0.32 9.29 30.35
CA MET B 108 -0.17 8.08 31.02
C MET B 108 0.38 7.99 32.45
N LYS B 109 1.68 8.25 32.63
CA LYS B 109 2.22 8.22 33.98
C LYS B 109 1.58 9.28 34.87
N ALA B 110 1.37 10.48 34.34
CA ALA B 110 0.83 11.55 35.17
C ALA B 110 -0.62 11.34 35.55
N HIS B 111 -1.36 10.55 34.77
CA HIS B 111 -2.78 10.31 34.99
C HIS B 111 -3.07 8.90 35.47
N GLY B 112 -2.05 8.10 35.78
CA GLY B 112 -2.31 6.76 36.28
C GLY B 112 -2.94 5.80 35.29
N VAL B 113 -2.70 6.00 33.99
CA VAL B 113 -3.20 5.10 32.95
C VAL B 113 -2.11 4.09 32.66
N ASP B 114 -2.44 2.80 32.71
CA ASP B 114 -1.42 1.77 32.76
C ASP B 114 -1.32 0.91 31.52
N LYS B 115 -2.22 1.04 30.53
CA LYS B 115 -2.37 0.07 29.45
C LYS B 115 -2.28 0.80 28.12
N VAL B 116 -1.33 0.40 27.28
CA VAL B 116 -1.18 0.99 25.96
C VAL B 116 -0.94 -0.12 24.93
N VAL B 117 -1.71 -0.06 23.84
CA VAL B 117 -1.60 -1.03 22.76
C VAL B 117 -1.21 -0.18 21.56
N ALA B 118 -0.02 -0.44 21.00
CA ALA B 118 0.51 0.46 19.98
C ALA B 118 1.03 -0.28 18.76
N CYS B 119 0.70 0.26 17.61
CA CYS B 119 1.04 -0.36 16.35
C CYS B 119 2.36 0.20 15.81
N THR B 120 3.30 -0.68 15.47
CA THR B 120 4.48 -0.30 14.70
C THR B 120 4.43 -1.07 13.39
N SER B 121 5.22 -2.12 13.21
CA SER B 121 5.28 -2.79 11.92
C SER B 121 6.04 -4.09 12.07
N ALA B 122 5.67 -5.06 11.24
CA ALA B 122 6.36 -6.33 11.23
C ALA B 122 7.81 -6.21 10.75
N PHE B 123 8.20 -5.07 10.14
CA PHE B 123 9.62 -4.92 9.84
C PHE B 123 10.48 -5.02 11.09
N LEU B 124 9.92 -4.77 12.28
CA LEU B 124 10.68 -4.90 13.51
C LEU B 124 10.92 -6.34 13.90
N LEU B 125 10.28 -7.28 13.20
CA LEU B 125 10.46 -8.71 13.46
C LEU B 125 11.36 -9.40 12.45
N TRP B 126 11.76 -8.72 11.39
CA TRP B 126 12.56 -9.31 10.32
C TRP B 126 13.93 -8.65 10.27
N ASP B 127 14.80 -9.22 9.43
CA ASP B 127 16.13 -8.65 9.24
C ASP B 127 16.00 -7.22 8.72
N PRO B 128 16.84 -6.29 9.18
CA PRO B 128 16.76 -4.92 8.67
C PRO B 128 16.99 -4.79 7.18
N THR B 129 17.68 -5.74 6.55
CA THR B 129 17.84 -5.60 5.12
C THR B 129 16.56 -5.89 4.35
N LYS B 130 15.50 -6.32 5.02
CA LYS B 130 14.23 -6.49 4.32
C LYS B 130 13.48 -5.19 4.15
N VAL B 131 13.92 -4.09 4.75
CA VAL B 131 13.15 -2.85 4.70
C VAL B 131 13.47 -2.11 3.41
N PRO B 132 12.49 -1.77 2.60
CA PRO B 132 12.77 -0.96 1.42
C PRO B 132 13.43 0.35 1.84
N PRO B 133 14.46 0.79 1.11
CA PRO B 133 15.19 2.02 1.52
C PRO B 133 14.28 3.20 1.82
N ARG B 134 13.21 3.41 1.06
CA ARG B 134 12.41 4.58 1.28
C ARG B 134 11.52 4.46 2.50
N LEU B 135 11.44 3.25 3.11
CA LEU B 135 10.73 3.05 4.37
C LEU B 135 11.69 2.94 5.53
N GLN B 136 12.99 3.11 5.33
CA GLN B 136 13.92 2.99 6.46
CA GLN B 136 13.87 2.95 6.48
C GLN B 136 13.67 4.02 7.56
N ALA B 137 13.38 5.26 7.18
CA ALA B 137 13.23 6.31 8.17
C ALA B 137 12.00 6.07 9.02
N VAL B 138 10.87 5.67 8.41
CA VAL B 138 9.70 5.42 9.25
C VAL B 138 9.97 4.23 10.14
N THR B 139 10.62 3.18 9.61
CA THR B 139 10.97 1.99 10.41
C THR B 139 11.92 2.35 11.56
N ASP B 140 12.91 3.21 11.31
CA ASP B 140 13.80 3.63 12.40
C ASP B 140 13.01 4.33 13.49
N ASP B 141 12.02 5.15 13.12
CA ASP B 141 11.25 5.80 14.17
C ASP B 141 10.25 4.86 14.83
N HIS B 142 9.67 3.88 14.11
CA HIS B 142 8.97 2.80 14.81
C HIS B 142 9.84 2.11 15.84
N ILE B 143 11.11 1.85 15.50
CA ILE B 143 12.01 1.22 16.46
C ILE B 143 12.20 2.13 17.68
N ARG B 144 12.38 3.44 17.46
CA ARG B 144 12.49 4.38 18.58
C ARG B 144 11.21 4.40 19.41
N MET B 145 10.05 4.44 18.75
CA MET B 145 8.79 4.43 19.48
C MET B 145 8.65 3.16 20.30
N HIS B 146 8.98 2.02 19.72
CA HIS B 146 8.88 0.75 20.45
C HIS B 146 9.74 0.78 21.72
N LYS B 147 10.97 1.31 21.60
CA LYS B 147 11.85 1.37 22.77
C LYS B 147 11.29 2.31 23.85
N VAL B 148 10.75 3.44 23.43
CA VAL B 148 10.09 4.36 24.38
C VAL B 148 9.00 3.63 25.16
N LEU B 149 8.14 2.89 24.44
CA LEU B 149 7.04 2.22 25.11
C LEU B 149 7.53 1.05 25.99
N ARG B 150 8.53 0.29 25.54
CA ARG B 150 9.02 -0.84 26.34
C ARG B 150 9.71 -0.36 27.61
N GLU B 151 10.46 0.73 27.50
CA GLU B 151 11.19 1.24 28.66
C GLU B 151 10.30 2.00 29.63
N SER B 152 9.03 2.22 29.30
CA SER B 152 8.14 3.01 30.14
C SER B 152 7.71 2.27 31.39
N GLY B 153 7.79 0.95 31.40
CA GLY B 153 7.21 0.21 32.51
C GLY B 153 5.70 0.11 32.48
N LEU B 154 5.02 0.74 31.51
CA LEU B 154 3.57 0.61 31.38
C LEU B 154 3.24 -0.78 30.84
N LYS B 155 1.98 -1.22 31.03
CA LYS B 155 1.57 -2.46 30.37
C LYS B 155 1.43 -2.18 28.89
N TYR B 156 2.30 -2.76 28.09
CA TYR B 156 2.40 -2.40 26.68
C TYR B 156 2.30 -3.63 25.81
N VAL B 157 1.33 -3.62 24.89
CA VAL B 157 1.23 -4.65 23.86
C VAL B 157 1.75 -4.03 22.57
N ALA B 158 2.82 -4.61 22.02
CA ALA B 158 3.41 -4.14 20.77
C ALA B 158 2.74 -4.88 19.63
N VAL B 159 2.04 -4.18 18.76
CA VAL B 159 1.39 -4.81 17.63
C VAL B 159 2.20 -4.48 16.39
N MET B 160 2.67 -5.52 15.68
CA MET B 160 3.63 -5.39 14.59
C MET B 160 3.04 -6.05 13.35
N PRO B 161 2.15 -5.36 12.65
CA PRO B 161 1.43 -5.97 11.54
C PRO B 161 2.25 -6.00 10.26
N PRO B 162 1.96 -6.94 9.39
CA PRO B 162 2.50 -6.89 8.03
C PRO B 162 1.71 -5.94 7.15
N HIS B 163 1.63 -6.21 5.84
CA HIS B 163 0.89 -5.33 4.97
C HIS B 163 -0.56 -5.21 5.46
N ILE B 164 -1.07 -3.98 5.50
CA ILE B 164 -2.43 -3.73 5.97
C ILE B 164 -3.33 -3.67 4.74
N GLY B 165 -4.28 -4.60 4.63
CA GLY B 165 -5.16 -4.67 3.48
C GLY B 165 -6.54 -4.09 3.75
N ASP B 166 -7.44 -4.24 2.75
CA ASP B 166 -8.78 -3.68 2.77
C ASP B 166 -9.89 -4.73 2.85
N GLN B 167 -9.54 -5.99 3.15
CA GLN B 167 -10.53 -7.06 3.08
C GLN B 167 -11.55 -6.88 4.20
N PRO B 168 -12.78 -7.40 4.06
CA PRO B 168 -13.75 -7.26 5.15
C PRO B 168 -13.32 -7.96 6.45
N LEU B 169 -13.77 -7.39 7.58
CA LEU B 169 -13.55 -7.98 8.90
C LEU B 169 -13.91 -9.46 8.93
N THR B 170 -13.03 -10.27 9.56
CA THR B 170 -13.30 -11.69 9.77
C THR B 170 -13.31 -12.11 11.23
N GLY B 171 -12.55 -11.45 12.10
CA GLY B 171 -12.37 -11.89 13.46
C GLY B 171 -11.73 -13.27 13.54
N ALA B 172 -11.16 -13.76 12.44
CA ALA B 172 -10.69 -15.13 12.35
C ALA B 172 -9.17 -15.25 12.14
N TYR B 173 -8.45 -14.12 12.17
CA TYR B 173 -7.01 -14.07 11.95
C TYR B 173 -6.27 -14.83 13.05
N THR B 174 -4.98 -15.07 12.79
CA THR B 174 -4.01 -15.68 13.71
C THR B 174 -3.20 -14.59 14.41
N VAL B 175 -2.83 -14.81 15.66
CA VAL B 175 -1.93 -13.92 16.40
C VAL B 175 -0.72 -14.74 16.81
N THR B 176 0.45 -14.33 16.36
CA THR B 176 1.69 -15.00 16.72
C THR B 176 2.44 -14.14 17.72
N LEU B 177 2.92 -14.80 18.78
CA LEU B 177 3.47 -14.18 19.97
C LEU B 177 4.98 -14.16 19.82
N ASP B 178 5.57 -12.97 19.80
CA ASP B 178 7.02 -12.82 19.80
C ASP B 178 7.64 -13.53 18.60
N GLY B 179 6.99 -13.38 17.46
CA GLY B 179 7.54 -13.91 16.25
C GLY B 179 6.58 -13.64 15.11
N ARG B 180 6.86 -14.25 13.98
CA ARG B 180 6.03 -14.05 12.80
C ARG B 180 5.20 -15.29 12.51
N GLY B 181 3.99 -15.05 12.00
CA GLY B 181 3.04 -16.07 11.65
C GLY B 181 3.16 -16.44 10.19
N PRO B 182 2.30 -17.36 9.72
CA PRO B 182 2.50 -17.95 8.40
C PRO B 182 1.70 -17.28 7.30
N SER B 183 1.28 -16.04 7.55
CA SER B 183 0.54 -15.24 6.60
C SER B 183 1.14 -13.83 6.63
N ARG B 184 0.99 -13.07 5.53
CA ARG B 184 1.69 -11.80 5.34
C ARG B 184 0.76 -10.59 5.12
N VAL B 185 -0.50 -10.71 5.48
CA VAL B 185 -1.42 -9.58 5.38
C VAL B 185 -2.41 -9.66 6.53
N ILE B 186 -2.85 -8.49 6.98
CA ILE B 186 -3.94 -8.35 7.92
C ILE B 186 -4.82 -7.24 7.35
N SER B 187 -6.12 -7.50 7.28
CA SER B 187 -7.05 -6.43 6.94
C SER B 187 -7.01 -5.34 8.00
N LYS B 188 -7.09 -4.07 7.56
CA LYS B 188 -7.22 -2.97 8.50
C LYS B 188 -8.34 -3.24 9.49
N HIS B 189 -9.41 -3.90 9.05
CA HIS B 189 -10.53 -4.17 9.95
C HIS B 189 -10.16 -5.21 10.99
N ASP B 190 -9.50 -6.30 10.56
CA ASP B 190 -9.04 -7.29 11.53
C ASP B 190 -7.98 -6.74 12.46
N LEU B 191 -7.09 -5.89 11.94
CA LEU B 191 -6.11 -5.25 12.81
C LEU B 191 -6.79 -4.40 13.89
N GLY B 192 -7.81 -3.63 13.50
CA GLY B 192 -8.50 -2.81 14.49
C GLY B 192 -9.23 -3.68 15.52
N HIS B 193 -9.83 -4.79 15.07
CA HIS B 193 -10.47 -5.74 15.95
C HIS B 193 -9.47 -6.30 16.95
N PHE B 194 -8.25 -6.60 16.48
CA PHE B 194 -7.20 -7.09 17.38
C PHE B 194 -6.78 -6.04 18.38
N MET B 195 -6.63 -4.76 17.95
CA MET B 195 -6.28 -3.71 18.92
C MET B 195 -7.28 -3.68 20.06
N LEU B 196 -8.56 -3.83 19.74
CA LEU B 196 -9.58 -3.81 20.78
C LEU B 196 -9.52 -5.08 21.63
N ARG B 197 -9.31 -6.25 21.00
CA ARG B 197 -9.19 -7.47 21.81
C ARG B 197 -8.11 -7.34 22.87
N CYS B 198 -7.04 -6.61 22.54
CA CYS B 198 -5.92 -6.45 23.46
C CYS B 198 -6.32 -5.66 24.70
N LEU B 199 -7.46 -4.96 24.64
CA LEU B 199 -7.97 -4.28 25.83
C LEU B 199 -8.67 -5.22 26.80
N THR B 200 -9.04 -6.42 26.37
CA THR B 200 -9.87 -7.30 27.19
C THR B 200 -9.07 -8.39 27.90
N THR B 201 -7.74 -8.38 27.78
CA THR B 201 -6.90 -9.43 28.34
C THR B 201 -5.55 -8.85 28.69
N ASP B 202 -4.82 -9.55 29.58
CA ASP B 202 -3.44 -9.20 29.88
C ASP B 202 -2.42 -10.11 29.22
N GLU B 203 -2.86 -11.10 28.45
CA GLU B 203 -1.97 -12.15 27.96
C GLU B 203 -0.90 -11.66 27.00
N TYR B 204 -1.16 -10.56 26.30
CA TYR B 204 -0.19 -10.00 25.36
C TYR B 204 0.75 -8.95 25.98
N ASP B 205 0.51 -8.53 27.23
CA ASP B 205 1.34 -7.49 27.83
C ASP B 205 2.79 -7.92 27.87
N GLY B 206 3.68 -7.03 27.48
CA GLY B 206 5.10 -7.34 27.43
C GLY B 206 5.54 -8.18 26.25
N HIS B 207 4.64 -8.50 25.32
CA HIS B 207 4.97 -9.30 24.15
C HIS B 207 4.85 -8.47 22.89
N SER B 208 5.48 -8.96 21.83
CA SER B 208 5.22 -8.46 20.50
C SER B 208 4.19 -9.38 19.87
N THR B 209 3.28 -8.82 19.07
CA THR B 209 2.18 -9.60 18.51
C THR B 209 2.10 -9.36 17.01
N TYR B 210 1.88 -10.43 16.25
CA TYR B 210 1.86 -10.39 14.80
C TYR B 210 0.52 -10.96 14.35
N PRO B 211 -0.45 -10.10 14.02
CA PRO B 211 -1.72 -10.57 13.48
C PRO B 211 -1.62 -10.76 11.96
N SER B 212 -2.16 -11.89 11.50
CA SER B 212 -2.15 -12.17 10.06
C SER B 212 -3.23 -13.16 9.72
N HIS B 213 -3.62 -13.17 8.45
CA HIS B 213 -4.69 -14.06 8.04
C HIS B 213 -4.58 -14.31 6.55
N GLN B 214 -5.26 -15.36 6.09
CA GLN B 214 -5.39 -15.67 4.67
C GLN B 214 -6.80 -15.33 4.24
N TYR B 215 -6.94 -14.36 3.33
CA TYR B 215 -8.23 -13.86 2.83
C TYR B 215 -8.51 -14.50 1.47
N GLN B 216 -9.40 -15.49 1.45
CA GLN B 216 -9.66 -16.26 0.23
C GLN B 216 -8.36 -16.69 -0.44
PA NAP C . 11.52 -4.56 -16.50
O1A NAP C . 11.96 -4.89 -15.11
O2A NAP C . 12.27 -5.18 -17.67
O5B NAP C . 11.47 -3.00 -16.80
C5B NAP C . 11.16 -2.11 -15.71
C4B NAP C . 10.84 -0.73 -16.32
O4B NAP C . 10.55 0.15 -15.28
C3B NAP C . 12.06 -0.13 -17.08
O3B NAP C . 11.65 0.62 -18.15
C2B NAP C . 12.64 0.76 -15.96
O2B NAP C . 13.46 1.87 -16.52
C1B NAP C . 11.48 1.35 -15.41
N9A NAP C . 11.72 1.95 -14.13
C8A NAP C . 12.21 1.37 -13.00
N7A NAP C . 12.39 2.34 -12.05
C5A NAP C . 11.94 3.48 -12.62
C6A NAP C . 11.91 4.74 -12.09
N6A NAP C . 12.32 5.09 -10.80
N1A NAP C . 11.43 5.76 -12.77
C2A NAP C . 11.00 5.58 -14.08
N3A NAP C . 11.04 4.30 -14.64
C4A NAP C . 11.48 3.26 -13.90
O3 NAP C . 9.99 -5.00 -16.63
PN NAP C . 9.29 -6.34 -17.16
O1N NAP C . 10.29 -7.50 -17.13
O2N NAP C . 8.67 -5.98 -18.44
O5D NAP C . 8.23 -6.63 -16.02
C5D NAP C . 7.03 -5.78 -15.91
C4D NAP C . 6.40 -6.09 -14.53
O4D NAP C . 5.96 -7.40 -14.54
C3D NAP C . 7.42 -5.90 -13.40
O3D NAP C . 6.79 -5.23 -12.36
C2D NAP C . 7.63 -7.38 -13.02
O2D NAP C . 7.98 -7.54 -11.62
C1D NAP C . 6.43 -8.05 -13.21
N1N NAP C . 6.45 -9.51 -13.52
C2N NAP C . 7.53 -10.05 -14.14
C3N NAP C . 7.43 -11.42 -14.44
C7N NAP C . 8.62 -12.04 -15.10
O7N NAP C . 9.71 -11.51 -15.37
N7N NAP C . 8.43 -13.42 -15.42
C4N NAP C . 6.27 -12.14 -14.19
C5N NAP C . 5.16 -11.53 -13.62
C6N NAP C . 5.30 -10.19 -13.28
P2B NAP C . 15.12 1.80 -16.65
O1X NAP C . 15.41 1.45 -18.11
O2X NAP C . 15.54 3.17 -16.31
O3X NAP C . 15.59 0.69 -15.78
C1 SAS D . 0.17 -19.55 -11.83
C2 SAS D . 0.55 -20.84 -11.43
C3 SAS D . -0.29 -21.90 -11.61
C4 SAS D . -1.50 -21.75 -12.19
C5 SAS D . -1.86 -20.48 -12.60
N1 SAS D . -1.04 -19.41 -12.41
N2 SAS D . 1.08 -18.42 -11.65
S1 SAS D . 2.70 -18.59 -12.18
O1 SAS D . 2.79 -19.02 -13.58
O2 SAS D . 3.39 -19.75 -11.59
C6 SAS D . 3.81 -17.19 -11.99
C7 SAS D . 3.52 -16.00 -11.35
C8 SAS D . 4.55 -15.06 -11.32
C9 SAS D . 5.78 -15.35 -11.89
C10 SAS D . 6.04 -16.55 -12.50
C11 SAS D . 5.04 -17.46 -12.55
N3 SAS D . 6.90 -14.44 -11.86
N4 SAS D . 6.68 -13.41 -11.33
C12 SAS D . 7.78 -12.50 -11.25
C13 SAS D . 9.02 -12.88 -11.72
C14 SAS D . 10.05 -11.97 -11.58
C15 SAS D . 9.87 -10.73 -11.01
C16 SAS D . 8.64 -10.38 -10.54
C17 SAS D . 7.59 -11.28 -10.64
C18 SAS D . 11.45 -12.27 -12.04
O3 SAS D . 10.95 -9.86 -10.92
O4 SAS D . 12.32 -11.37 -11.95
O5 SAS D . 11.72 -13.43 -12.48
S SO4 E . -8.49 -7.26 -5.35
O1 SO4 E . -9.15 -6.26 -6.19
O2 SO4 E . -9.45 -8.31 -5.01
O3 SO4 E . -7.98 -6.67 -4.11
O4 SO4 E . -7.36 -7.84 -6.08
S SO4 F . -4.67 -7.56 -33.61
O1 SO4 F . -5.43 -7.61 -34.86
O2 SO4 F . -3.69 -6.46 -33.70
O3 SO4 F . -5.60 -7.30 -32.52
O4 SO4 F . -4.01 -8.83 -33.37
PA NAP G . -2.24 6.30 8.48
O1A NAP G . -0.97 6.84 7.79
O2A NAP G . -3.48 6.03 7.56
O5B NAP G . -2.70 7.39 9.67
C5B NAP G . -1.73 8.02 10.45
C4B NAP G . -2.54 8.55 11.66
O4B NAP G . -1.64 9.20 12.46
C3B NAP G . -3.58 9.59 11.12
O3B NAP G . -4.74 9.63 11.92
C2B NAP G . -2.78 10.89 11.40
O2B NAP G . -3.62 12.13 11.44
C1B NAP G . -2.20 10.68 12.59
N9A NAP G . -1.08 11.58 12.74
C8A NAP G . 0.04 11.76 12.00
N7A NAP G . 0.76 12.77 12.57
C5A NAP G . 0.07 13.21 13.65
C6A NAP G . 0.36 14.20 14.55
N6A NAP G . 1.50 15.07 14.60
N1A NAP G . -0.50 14.45 15.57
C2A NAP G . -1.66 13.74 15.71
N3A NAP G . -1.95 12.72 14.82
C4A NAP G . -1.07 12.49 13.78
O3 NAP G . -1.85 5.00 9.38
PN NAP G . -2.08 3.42 9.00
O1N NAP G . -1.89 3.24 7.49
O2N NAP G . -3.42 2.94 9.51
O5D NAP G . -0.80 2.73 9.77
C5D NAP G . -0.81 2.65 11.21
C4D NAP G . 0.66 2.30 11.62
O4D NAP G . 0.95 1.12 11.03
C3D NAP G . 1.63 3.32 11.06
O3D NAP G . 2.58 3.65 11.99
C2D NAP G . 2.27 2.55 9.85
O2D NAP G . 3.60 3.09 9.60
C1D NAP G . 2.32 1.28 10.24
N1N NAP G . 2.21 0.23 9.22
C2N NAP G . 1.63 0.44 8.04
C3N NAP G . 1.58 -0.68 7.14
C7N NAP G . 0.95 -0.51 5.79
O7N NAP G . 0.74 -1.58 5.23
N7N NAP G . 0.60 0.85 5.31
C4N NAP G . 2.07 -1.90 7.45
C5N NAP G . 2.64 -2.10 8.66
C6N NAP G . 2.70 -1.01 9.55
P2B NAP G . -4.15 12.96 10.12
O1X NAP G . -5.38 12.32 9.50
O2X NAP G . -4.38 14.32 10.76
O3X NAP G . -2.97 12.94 9.09
C1 SAS H . 5.96 6.15 2.72
C2 SAS H . 5.61 5.22 1.73
C3 SAS H . 6.55 4.73 0.89
C4 SAS H . 7.84 5.15 1.01
C5 SAS H . 8.17 6.08 1.98
N1 SAS H . 7.24 6.56 2.83
N2 SAS H . 4.95 6.69 3.62
S1 SAS H . 3.44 5.89 3.88
O1 SAS H . 2.62 5.83 2.66
O2 SAS H . 2.60 6.67 4.82
C6 SAS H . 3.78 4.21 4.48
C7 SAS H . 4.23 4.04 5.78
C8 SAS H . 4.49 2.76 6.24
C9 SAS H . 4.31 1.68 5.40
C10 SAS H . 3.88 1.84 4.10
C11 SAS H . 3.60 3.12 3.63
N3 SAS H . 4.61 0.36 5.89
N4 SAS H . 4.43 -0.58 5.14
C12 SAS H . 4.71 -1.96 5.51
C13 SAS H . 4.48 -2.93 4.56
C14 SAS H . 4.75 -4.25 4.85
C15 SAS H . 5.26 -4.63 6.10
C16 SAS H . 5.50 -3.65 7.04
C17 SAS H . 5.23 -2.31 6.74
C18 SAS H . 4.44 -5.24 3.76
O3 SAS H . 5.53 -5.97 6.39
O4 SAS H . 3.95 -4.79 2.68
O5 SAS H . 4.70 -6.45 3.93
S SO4 I . -4.88 -5.84 0.00
O1 SO4 I . -5.04 -6.45 -1.34
O2 SO4 I . -6.18 -5.28 0.37
O3 SO4 I . -4.47 -6.90 0.92
O4 SO4 I . -3.85 -4.80 -0.08
S SO4 J . -16.97 -2.99 26.09
O1 SO4 J . -18.36 -2.62 25.85
O2 SO4 J . -16.20 -1.76 26.33
O3 SO4 J . -16.93 -3.82 27.30
O4 SO4 J . -16.48 -3.73 24.94
S SO4 K . -13.42 0.93 3.69
O1 SO4 K . -14.64 0.49 3.01
O2 SO4 K . -13.27 2.38 3.57
O3 SO4 K . -13.51 0.56 5.10
O4 SO4 K . -12.26 0.29 3.07
#